data_4S1H
#
_entry.id   4S1H
#
_cell.length_a   44.256
_cell.length_b   44.272
_cell.length_c   75.246
_cell.angle_alpha   89.94
_cell.angle_beta   102.89
_cell.angle_gamma   107.03
#
_symmetry.space_group_name_H-M   'P 1'
#
loop_
_entity.id
_entity.type
_entity.pdbx_description
1 polymer 'Pyridoxal kinase'
2 non-polymer "ADENOSINE-5'-DIPHOSPHATE"
3 non-polymer 'MAGNESIUM ION'
4 water water
#
_entity_poly.entity_id   1
_entity_poly.type   'polypeptide(L)'
_entity_poly.pdbx_seq_one_letter_code
;MTNKVLTISSYVCSGFVGNRCGMIILDSFQIQSIFVLTTHLANHTGYPVVGGSGVLLNDFISIMDSLEVNHLDKDIEFLV
TGYFPSSDLVYETINRVKRIKDNKKVYFLCDPILGDNGKMYTKSEVQDSMKELIKYADIITPNATELSFLTGLEVNSVSE
AIKACHILHEQGIPVILVTSIKEGNDIILLCSFKDTLNNKNFTIKIPRIEGDFTGVGDTLTYILLSWIIKGIPLEHAVNR
AISTLQTILRNTVGTAEINIINCIPYLKGTEESFTITYILEHHHHHH
;
_entity_poly.pdbx_strand_id   A,B
#
# COMPACT_ATOMS: atom_id res chain seq x y z
N MET A 1 17.07 9.36 2.74
CA MET A 1 15.81 8.70 2.26
C MET A 1 15.60 8.92 0.77
N THR A 2 15.94 7.92 -0.04
CA THR A 2 15.72 7.97 -1.48
C THR A 2 14.89 6.77 -1.93
N ASN A 3 14.01 7.01 -2.89
CA ASN A 3 13.23 5.94 -3.48
C ASN A 3 14.14 5.10 -4.37
N LYS A 4 14.20 3.80 -4.09
CA LYS A 4 15.05 2.87 -4.84
C LYS A 4 14.28 2.12 -5.90
N VAL A 5 12.97 1.91 -5.68
CA VAL A 5 12.13 1.15 -6.58
C VAL A 5 10.96 1.97 -7.06
N LEU A 6 10.59 1.79 -8.32
CA LEU A 6 9.32 2.31 -8.85
C LEU A 6 8.54 1.13 -9.34
N THR A 7 7.31 1.01 -8.85
CA THR A 7 6.47 -0.12 -9.23
C THR A 7 5.10 0.36 -9.65
N ILE A 8 4.70 -0.08 -10.81
CA ILE A 8 3.50 0.36 -11.49
C ILE A 8 2.62 -0.85 -11.68
N SER A 9 1.50 -0.92 -10.97
CA SER A 9 0.64 -2.09 -11.03
C SER A 9 -0.71 -1.79 -10.37
N SER A 10 -1.55 -2.79 -10.26
CA SER A 10 -2.93 -2.63 -9.86
C SER A 10 -3.06 -2.42 -8.35
N TYR A 11 -4.22 -1.95 -7.92
CA TYR A 11 -4.52 -1.75 -6.51
C TYR A 11 -5.93 -2.27 -6.19
N VAL A 12 -6.03 -2.99 -5.07
CA VAL A 12 -7.30 -3.40 -4.46
C VAL A 12 -7.39 -2.91 -3.03
N CYS A 13 -8.55 -2.39 -2.64
CA CYS A 13 -8.77 -1.88 -1.26
C CYS A 13 -8.78 -2.95 -0.20
N SER A 14 -9.29 -4.13 -0.56
CA SER A 14 -9.36 -5.31 0.28
C SER A 14 -8.67 -6.44 -0.45
N GLY A 15 -7.98 -7.25 0.32
CA GLY A 15 -7.15 -8.31 -0.26
C GLY A 15 -5.84 -7.91 -0.88
N PHE A 16 -5.24 -8.85 -1.60
CA PHE A 16 -3.81 -8.77 -1.94
C PHE A 16 -3.58 -9.22 -3.37
N VAL A 17 -3.46 -8.23 -4.25
CA VAL A 17 -2.90 -8.40 -5.61
C VAL A 17 -2.04 -7.19 -5.94
N GLY A 18 -1.27 -7.32 -7.03
CA GLY A 18 -0.54 -6.25 -7.63
C GLY A 18 0.28 -5.41 -6.68
N ASN A 19 0.12 -4.10 -6.81
CA ASN A 19 0.88 -3.18 -5.95
C ASN A 19 0.56 -3.28 -4.45
N ARG A 20 -0.58 -3.82 -4.06
CA ARG A 20 -0.86 -4.09 -2.67
C ARG A 20 0.07 -5.16 -2.10
N CYS A 21 0.26 -6.27 -2.83
CA CYS A 21 1.34 -7.24 -2.53
C CYS A 21 2.69 -6.57 -2.48
N GLY A 22 2.97 -5.70 -3.45
CA GLY A 22 4.22 -5.00 -3.52
C GLY A 22 4.47 -4.15 -2.31
N MET A 23 3.44 -3.47 -1.86
CA MET A 23 3.61 -2.60 -0.68
C MET A 23 3.97 -3.43 0.54
N ILE A 24 3.19 -4.49 0.78
CA ILE A 24 3.38 -5.33 1.93
C ILE A 24 4.80 -5.91 1.94
N ILE A 25 5.23 -6.41 0.78
CA ILE A 25 6.51 -7.12 0.71
C ILE A 25 7.69 -6.13 0.80
N LEU A 26 7.69 -5.13 -0.07
CA LEU A 26 8.78 -4.13 -0.08
C LEU A 26 8.83 -3.35 1.23
N ASP A 27 7.69 -3.01 1.80
CA ASP A 27 7.69 -2.39 3.16
C ASP A 27 8.37 -3.34 4.20
N SER A 28 8.04 -4.63 4.18
CA SER A 28 8.61 -5.57 5.14
C SER A 28 10.12 -5.76 4.97
N PHE A 29 10.62 -5.58 3.76
CA PHE A 29 12.06 -5.62 3.48
C PHE A 29 12.73 -4.26 3.68
N GLN A 30 11.94 -3.24 4.01
CA GLN A 30 12.40 -1.87 4.21
C GLN A 30 13.14 -1.32 2.99
N ILE A 31 12.54 -1.56 1.84
CA ILE A 31 13.02 -1.05 0.54
C ILE A 31 12.09 0.12 0.17
N GLN A 32 12.64 1.33 0.24
CA GLN A 32 11.82 2.52 -0.02
C GLN A 32 11.42 2.52 -1.50
N SER A 33 10.11 2.60 -1.75
CA SER A 33 9.55 2.42 -3.09
C SER A 33 8.42 3.41 -3.40
N ILE A 34 8.26 3.70 -4.68
CA ILE A 34 7.16 4.45 -5.21
C ILE A 34 6.16 3.45 -5.79
N PHE A 35 4.89 3.58 -5.39
CA PHE A 35 3.83 2.71 -5.85
C PHE A 35 2.79 3.49 -6.64
N VAL A 36 2.95 3.51 -7.96
CA VAL A 36 2.03 4.16 -8.84
C VAL A 36 0.96 3.14 -9.20
N LEU A 37 -0.28 3.48 -8.99
CA LEU A 37 -1.42 2.56 -9.24
C LEU A 37 -1.96 2.64 -10.66
N THR A 38 -2.35 1.49 -11.20
CA THR A 38 -3.01 1.45 -12.51
C THR A 38 -4.52 1.18 -12.41
N THR A 39 -5.00 0.81 -11.21
CA THR A 39 -6.43 0.65 -10.88
C THR A 39 -6.68 1.09 -9.45
N HIS A 40 -7.94 1.36 -9.16
CA HIS A 40 -8.42 1.51 -7.77
C HIS A 40 -9.71 0.71 -7.66
N LEU A 41 -9.58 -0.58 -7.32
CA LEU A 41 -10.72 -1.48 -7.23
C LEU A 41 -10.99 -1.85 -5.78
N ALA A 42 -12.23 -2.19 -5.47
CA ALA A 42 -12.60 -2.63 -4.13
C ALA A 42 -11.92 -3.91 -3.74
N ASN A 43 -11.87 -4.84 -4.71
CA ASN A 43 -11.40 -6.20 -4.47
C ASN A 43 -10.95 -6.80 -5.81
N HIS A 44 -10.34 -7.97 -5.79
CA HIS A 44 -9.85 -8.51 -7.05
C HIS A 44 -10.97 -9.07 -7.94
N THR A 45 -10.61 -9.39 -9.19
CA THR A 45 -11.55 -9.72 -10.25
C THR A 45 -12.25 -11.09 -10.07
N GLY A 46 -11.69 -11.93 -9.21
CA GLY A 46 -12.34 -13.15 -8.71
C GLY A 46 -13.70 -13.07 -8.03
N TYR A 47 -14.07 -11.91 -7.49
CA TYR A 47 -15.36 -11.76 -6.84
C TYR A 47 -16.47 -11.45 -7.87
N PRO A 48 -17.74 -11.70 -7.52
CA PRO A 48 -18.90 -11.40 -8.38
C PRO A 48 -19.11 -9.93 -8.77
N VAL A 49 -18.70 -9.02 -7.90
CA VAL A 49 -18.81 -7.60 -8.17
C VAL A 49 -17.41 -7.06 -7.92
N VAL A 50 -16.94 -6.19 -8.81
CA VAL A 50 -15.63 -5.56 -8.72
C VAL A 50 -15.81 -4.06 -8.89
N GLY A 51 -15.99 -3.34 -7.78
CA GLY A 51 -16.25 -1.91 -7.87
C GLY A 51 -14.96 -1.15 -8.09
N GLY A 52 -15.09 0.04 -8.67
CA GLY A 52 -13.98 0.95 -8.92
C GLY A 52 -13.56 0.94 -10.38
N SER A 53 -12.51 1.68 -10.70
CA SER A 53 -12.11 1.98 -12.09
C SER A 53 -10.61 1.84 -12.31
N GLY A 54 -10.25 1.65 -13.58
CA GLY A 54 -8.88 1.77 -14.04
C GLY A 54 -8.44 3.21 -13.93
N VAL A 55 -7.15 3.41 -13.68
CA VAL A 55 -6.56 4.73 -13.70
C VAL A 55 -6.55 5.32 -15.11
N LEU A 56 -6.93 6.58 -15.24
CA LEU A 56 -7.00 7.24 -16.55
C LEU A 56 -5.62 7.75 -16.96
N LEU A 57 -5.35 7.69 -18.26
CA LEU A 57 -4.07 8.13 -18.79
C LEU A 57 -3.65 9.52 -18.30
N ASN A 58 -4.56 10.49 -18.32
CA ASN A 58 -4.16 11.86 -17.95
C ASN A 58 -3.68 11.94 -16.50
N ASP A 59 -4.33 11.18 -15.62
CA ASP A 59 -3.93 11.10 -14.22
C ASP A 59 -2.58 10.40 -14.06
N PHE A 60 -2.37 9.32 -14.80
CA PHE A 60 -1.10 8.63 -14.78
C PHE A 60 0.06 9.56 -15.21
N ILE A 61 -0.14 10.28 -16.31
CA ILE A 61 0.84 11.27 -16.76
C ILE A 61 1.09 12.35 -15.74
N SER A 62 0.03 12.87 -15.14
CA SER A 62 0.13 13.89 -14.12
C SER A 62 0.98 13.41 -12.95
N ILE A 63 0.71 12.20 -12.49
CA ILE A 63 1.51 11.56 -11.45
C ILE A 63 2.99 11.41 -11.84
N MET A 64 3.26 10.87 -13.03
CA MET A 64 4.64 10.62 -13.41
C MET A 64 5.42 11.94 -13.58
N ASP A 65 4.76 12.94 -14.15
CA ASP A 65 5.36 14.28 -14.28
C ASP A 65 5.66 14.90 -12.91
N SER A 66 4.75 14.72 -11.96
CA SER A 66 4.94 15.28 -10.60
C SER A 66 6.13 14.62 -9.88
N LEU A 67 6.26 13.29 -10.03
CA LEU A 67 7.43 12.57 -9.48
C LEU A 67 8.72 13.11 -10.06
N GLU A 68 8.74 13.38 -11.36
CA GLU A 68 9.94 13.89 -12.02
C GLU A 68 10.28 15.32 -11.57
N VAL A 69 9.29 16.21 -11.61
CA VAL A 69 9.50 17.63 -11.27
C VAL A 69 9.93 17.82 -9.81
N ASN A 70 9.36 17.03 -8.91
CA ASN A 70 9.74 17.04 -7.50
C ASN A 70 11.00 16.22 -7.17
N HIS A 71 11.68 15.69 -8.20
CA HIS A 71 12.93 14.90 -8.08
C HIS A 71 12.83 13.66 -7.19
N LEU A 72 11.64 13.06 -7.17
CA LEU A 72 11.37 11.89 -6.32
C LEU A 72 11.77 10.55 -6.94
N ASP A 73 12.06 10.57 -8.24
CA ASP A 73 12.45 9.36 -9.00
C ASP A 73 13.90 9.37 -9.51
N LYS A 74 14.72 10.29 -8.99
CA LYS A 74 16.05 10.52 -9.57
C LYS A 74 17.03 9.37 -9.25
N ASP A 75 16.74 8.62 -8.18
CA ASP A 75 17.65 7.61 -7.63
C ASP A 75 17.16 6.17 -7.83
N ILE A 76 16.09 6.00 -8.62
CA ILE A 76 15.51 4.70 -8.90
C ILE A 76 16.58 3.77 -9.47
N GLU A 77 16.74 2.60 -8.87
CA GLU A 77 17.64 1.53 -9.41
C GLU A 77 16.89 0.32 -9.95
N PHE A 78 15.60 0.23 -9.64
CA PHE A 78 14.77 -0.94 -9.93
C PHE A 78 13.40 -0.48 -10.34
N LEU A 79 12.89 -1.15 -11.38
CA LEU A 79 11.58 -0.89 -11.90
C LEU A 79 10.81 -2.16 -11.96
N VAL A 80 9.53 -2.11 -11.60
CA VAL A 80 8.61 -3.25 -11.75
C VAL A 80 7.35 -2.79 -12.40
N THR A 81 6.85 -3.56 -13.35
CA THR A 81 5.53 -3.34 -13.88
C THR A 81 4.72 -4.59 -13.70
N GLY A 82 3.43 -4.41 -13.49
CA GLY A 82 2.47 -5.47 -13.33
C GLY A 82 1.29 -5.30 -14.24
N TYR A 83 0.12 -5.19 -13.61
CA TYR A 83 -1.14 -5.17 -14.32
C TYR A 83 -1.42 -3.82 -14.93
N PHE A 84 -1.86 -3.81 -16.20
CA PHE A 84 -2.40 -2.60 -16.81
C PHE A 84 -3.81 -2.89 -17.34
N PRO A 85 -4.76 -1.99 -17.09
CA PRO A 85 -6.13 -2.18 -17.57
C PRO A 85 -6.31 -1.81 -19.05
N SER A 86 -5.37 -1.04 -19.61
CA SER A 86 -5.52 -0.48 -20.95
C SER A 86 -4.16 -0.25 -21.58
N SER A 87 -4.10 -0.34 -22.91
CA SER A 87 -2.84 -0.22 -23.64
C SER A 87 -2.24 1.20 -23.57
N ASP A 88 -3.07 2.23 -23.47
CA ASP A 88 -2.52 3.59 -23.40
C ASP A 88 -1.51 3.76 -22.27
N LEU A 89 -1.80 3.14 -21.12
CA LEU A 89 -0.92 3.23 -19.95
C LEU A 89 0.35 2.43 -20.22
N VAL A 90 0.27 1.37 -21.01
CA VAL A 90 1.45 0.59 -21.31
C VAL A 90 2.40 1.40 -22.19
N TYR A 91 1.87 2.01 -23.25
CA TYR A 91 2.71 2.80 -24.16
C TYR A 91 3.31 4.00 -23.42
N GLU A 92 2.56 4.64 -22.54
CA GLU A 92 3.13 5.72 -21.74
C GLU A 92 4.22 5.23 -20.79
N THR A 93 4.00 4.08 -20.18
CA THR A 93 5.02 3.46 -19.34
C THR A 93 6.29 3.19 -20.14
N ILE A 94 6.17 2.71 -21.38
CA ILE A 94 7.36 2.51 -22.23
C ILE A 94 8.17 3.80 -22.31
N ASN A 95 7.49 4.93 -22.53
CA ASN A 95 8.18 6.22 -22.58
C ASN A 95 8.92 6.50 -21.29
N ARG A 96 8.28 6.24 -20.17
CA ARG A 96 8.86 6.52 -18.85
C ARG A 96 10.02 5.58 -18.57
N VAL A 97 9.89 4.31 -18.99
CA VAL A 97 10.98 3.32 -18.84
C VAL A 97 12.24 3.71 -19.58
N LYS A 98 12.06 4.10 -20.84
CA LYS A 98 13.15 4.57 -21.65
C LYS A 98 13.87 5.73 -20.98
N ARG A 99 13.10 6.70 -20.50
CA ARG A 99 13.70 7.88 -19.85
C ARG A 99 14.46 7.46 -18.57
N ILE A 100 13.85 6.60 -17.77
CA ILE A 100 14.45 6.19 -16.50
C ILE A 100 15.76 5.41 -16.73
N LYS A 101 15.80 4.57 -17.77
CA LYS A 101 17.03 3.85 -18.16
C LYS A 101 18.12 4.64 -18.91
N ASP A 102 17.86 5.91 -19.24
CA ASP A 102 18.78 6.72 -20.05
C ASP A 102 19.94 7.32 -19.24
N ASN A 103 19.70 7.65 -17.97
CA ASN A 103 20.72 8.34 -17.14
C ASN A 103 21.40 7.47 -16.09
N LYS A 104 20.94 6.23 -15.96
CA LYS A 104 21.45 5.34 -14.93
C LYS A 104 21.11 3.90 -15.29
N LYS A 105 21.82 2.98 -14.65
CA LYS A 105 21.51 1.57 -14.77
C LYS A 105 20.28 1.27 -13.90
N VAL A 106 19.22 0.79 -14.53
CA VAL A 106 17.99 0.47 -13.84
C VAL A 106 17.61 -0.96 -14.23
N TYR A 107 17.48 -1.82 -13.24
CA TYR A 107 17.06 -3.19 -13.44
C TYR A 107 15.51 -3.24 -13.52
N PHE A 108 14.99 -3.65 -14.67
CA PHE A 108 13.55 -3.67 -14.90
C PHE A 108 13.03 -5.09 -14.94
N LEU A 109 12.23 -5.44 -13.94
CA LEU A 109 11.48 -6.68 -13.90
C LEU A 109 10.08 -6.39 -14.42
N CYS A 110 9.74 -6.96 -15.56
CA CYS A 110 8.42 -6.84 -16.15
C CYS A 110 7.64 -8.11 -15.83
N ASP A 111 6.58 -7.97 -15.07
CA ASP A 111 5.70 -9.09 -14.76
C ASP A 111 4.44 -8.91 -15.61
N PRO A 112 4.38 -9.57 -16.77
CA PRO A 112 3.24 -9.40 -17.65
C PRO A 112 2.04 -10.10 -17.03
N ILE A 113 0.95 -9.38 -16.82
CA ILE A 113 -0.28 -9.91 -16.23
C ILE A 113 -1.32 -9.92 -17.33
N LEU A 114 -1.54 -11.08 -17.89
CA LEU A 114 -2.44 -11.21 -19.02
C LEU A 114 -3.52 -12.27 -18.80
N GLY A 115 -3.19 -13.36 -18.10
CA GLY A 115 -4.17 -14.42 -17.90
C GLY A 115 -3.58 -15.65 -17.26
N ASP A 116 -4.38 -16.70 -17.20
CA ASP A 116 -3.96 -17.95 -16.61
C ASP A 116 -4.90 -19.05 -17.09
N ASN A 117 -4.46 -20.30 -16.95
CA ASN A 117 -5.27 -21.46 -17.35
C ASN A 117 -5.77 -21.37 -18.80
N GLY A 118 -4.92 -20.84 -19.67
CA GLY A 118 -5.23 -20.66 -21.09
C GLY A 118 -6.22 -19.57 -21.46
N LYS A 119 -6.61 -18.74 -20.50
CA LYS A 119 -7.59 -17.68 -20.70
C LYS A 119 -7.05 -16.26 -20.38
N MET A 120 -7.54 -15.27 -21.11
CA MET A 120 -7.13 -13.89 -20.98
C MET A 120 -7.90 -13.11 -19.92
N TYR A 121 -7.17 -12.31 -19.15
CA TYR A 121 -7.72 -11.37 -18.20
C TYR A 121 -7.96 -10.10 -18.98
N THR A 122 -7.03 -9.79 -19.84
CA THR A 122 -7.00 -8.49 -20.45
C THR A 122 -7.57 -8.36 -21.83
N LYS A 123 -8.04 -7.17 -22.07
CA LYS A 123 -8.41 -6.76 -23.33
C LYS A 123 -7.25 -7.14 -24.19
N SER A 124 -7.60 -7.68 -25.30
CA SER A 124 -6.63 -8.00 -26.40
C SER A 124 -5.66 -6.86 -26.79
N GLU A 125 -6.12 -5.60 -26.65
CA GLU A 125 -5.26 -4.46 -26.93
C GLU A 125 -4.01 -4.49 -26.04
N VAL A 126 -4.18 -4.89 -24.77
CA VAL A 126 -3.10 -4.91 -23.77
C VAL A 126 -2.01 -5.88 -24.18
N GLN A 127 -2.39 -7.06 -24.69
CA GLN A 127 -1.40 -8.07 -25.10
C GLN A 127 -0.38 -7.51 -26.06
N ASP A 128 -0.82 -6.85 -27.13
CA ASP A 128 0.10 -6.33 -28.12
C ASP A 128 1.03 -5.27 -27.56
N SER A 129 0.52 -4.40 -26.69
CA SER A 129 1.35 -3.38 -26.08
C SER A 129 2.35 -4.02 -25.12
N MET A 130 1.95 -5.05 -24.39
CA MET A 130 2.87 -5.80 -23.54
C MET A 130 4.02 -6.46 -24.33
N LYS A 131 3.74 -6.91 -25.55
CA LYS A 131 4.80 -7.45 -26.39
C LYS A 131 5.91 -6.45 -26.66
N GLU A 132 5.56 -5.15 -26.64
CA GLU A 132 6.55 -4.09 -26.79
C GLU A 132 7.23 -3.75 -25.47
N LEU A 133 6.44 -3.67 -24.40
CA LEU A 133 7.03 -3.38 -23.09
C LEU A 133 8.11 -4.39 -22.65
N ILE A 134 7.87 -5.68 -22.86
CA ILE A 134 8.80 -6.70 -22.40
C ILE A 134 10.19 -6.57 -23.01
N LYS A 135 10.28 -5.93 -24.18
CA LYS A 135 11.55 -5.79 -24.87
C LYS A 135 12.53 -4.90 -24.13
N TYR A 136 12.03 -4.09 -23.18
CA TYR A 136 12.88 -3.26 -22.37
C TYR A 136 13.32 -3.90 -21.05
N ALA A 137 12.80 -5.08 -20.72
CA ALA A 137 13.03 -5.72 -19.43
C ALA A 137 14.36 -6.45 -19.32
N ASP A 138 14.92 -6.42 -18.13
CA ASP A 138 16.07 -7.23 -17.78
C ASP A 138 15.68 -8.67 -17.45
N ILE A 139 14.47 -8.85 -16.94
CA ILE A 139 13.89 -10.14 -16.62
C ILE A 139 12.38 -10.04 -16.74
N ILE A 140 11.76 -11.11 -17.19
CA ILE A 140 10.31 -11.18 -17.22
C ILE A 140 9.83 -12.40 -16.46
N THR A 141 8.64 -12.32 -15.87
CA THR A 141 8.10 -13.39 -14.98
C THR A 141 6.69 -13.86 -15.35
N PRO A 142 6.47 -14.25 -16.60
CA PRO A 142 5.16 -14.76 -16.98
C PRO A 142 4.89 -16.17 -16.43
N ASN A 143 3.63 -16.52 -16.25
CA ASN A 143 3.21 -17.92 -16.20
C ASN A 143 3.18 -18.50 -17.63
N ALA A 144 2.88 -19.79 -17.75
CA ALA A 144 2.90 -20.46 -19.06
C ALA A 144 1.88 -19.84 -20.03
N THR A 145 0.70 -19.49 -19.52
CA THR A 145 -0.32 -18.89 -20.35
C THR A 145 0.14 -17.55 -20.94
N GLU A 146 0.75 -16.74 -20.09
CA GLU A 146 1.23 -15.43 -20.46
C GLU A 146 2.35 -15.55 -21.49
N LEU A 147 3.27 -16.50 -21.28
CA LEU A 147 4.30 -16.81 -22.28
C LEU A 147 3.69 -17.17 -23.63
N SER A 148 2.64 -17.99 -23.63
CA SER A 148 1.96 -18.33 -24.85
C SER A 148 1.32 -17.11 -25.55
N PHE A 149 0.71 -16.23 -24.79
CA PHE A 149 0.12 -14.99 -25.34
C PHE A 149 1.18 -14.03 -25.89
N LEU A 150 2.37 -14.01 -25.29
CA LEU A 150 3.42 -13.12 -25.74
C LEU A 150 4.14 -13.62 -26.98
N THR A 151 4.01 -14.91 -27.32
CA THR A 151 4.74 -15.50 -28.44
C THR A 151 3.85 -16.08 -29.55
N GLY A 152 2.59 -16.37 -29.24
CA GLY A 152 1.71 -17.08 -30.17
C GLY A 152 1.97 -18.57 -30.27
N LEU A 153 2.75 -19.12 -29.34
CA LEU A 153 3.06 -20.55 -29.31
C LEU A 153 2.35 -21.20 -28.12
N GLU A 154 1.93 -22.44 -28.30
CA GLU A 154 1.36 -23.20 -27.19
C GLU A 154 2.49 -23.42 -26.16
N VAL A 155 2.16 -23.41 -24.88
CA VAL A 155 3.14 -23.73 -23.81
C VAL A 155 2.47 -24.68 -22.83
N ASN A 156 2.61 -25.98 -23.12
CA ASN A 156 2.00 -27.05 -22.33
C ASN A 156 3.02 -27.97 -21.68
N SER A 157 4.30 -27.61 -21.76
CA SER A 157 5.37 -28.44 -21.30
C SER A 157 6.64 -27.65 -21.27
N VAL A 158 7.66 -28.23 -20.68
CA VAL A 158 8.96 -27.54 -20.58
C VAL A 158 9.57 -27.38 -21.98
N SER A 159 9.51 -28.41 -22.81
CA SER A 159 10.07 -28.25 -24.14
C SER A 159 9.39 -27.06 -24.86
N GLU A 160 8.05 -27.04 -24.84
CA GLU A 160 7.33 -25.94 -25.46
C GLU A 160 7.74 -24.60 -24.87
N ALA A 161 7.85 -24.51 -23.54
CA ALA A 161 8.33 -23.28 -22.93
C ALA A 161 9.71 -22.91 -23.48
N ILE A 162 10.59 -23.89 -23.65
CA ILE A 162 11.95 -23.56 -24.14
C ILE A 162 11.85 -22.92 -25.56
N LYS A 163 11.03 -23.50 -26.44
CA LYS A 163 10.83 -22.94 -27.78
C LYS A 163 10.25 -21.52 -27.75
N ALA A 164 9.31 -21.26 -26.84
CA ALA A 164 8.70 -19.96 -26.76
C ALA A 164 9.72 -18.95 -26.18
N CYS A 165 10.52 -19.39 -25.20
CA CYS A 165 11.55 -18.50 -24.62
C CYS A 165 12.55 -18.08 -25.69
N HIS A 166 12.90 -19.00 -26.57
CA HIS A 166 13.81 -18.65 -27.67
C HIS A 166 13.35 -17.39 -28.42
N ILE A 167 12.06 -17.35 -28.75
CA ILE A 167 11.50 -16.28 -29.55
C ILE A 167 11.76 -14.95 -28.84
N LEU A 168 11.55 -14.95 -27.54
CA LEU A 168 11.74 -13.72 -26.76
C LEU A 168 13.19 -13.36 -26.53
N HIS A 169 14.03 -14.34 -26.26
CA HIS A 169 15.47 -14.12 -26.19
C HIS A 169 16.04 -13.56 -27.50
N GLU A 170 15.54 -14.02 -28.65
CA GLU A 170 15.97 -13.47 -29.96
C GLU A 170 15.61 -11.98 -30.11
N GLN A 171 14.54 -11.54 -29.43
CA GLN A 171 14.16 -10.11 -29.35
C GLN A 171 15.02 -9.31 -28.39
N GLY A 172 15.91 -9.99 -27.67
CA GLY A 172 16.83 -9.34 -26.76
C GLY A 172 16.58 -9.54 -25.27
N ILE A 173 15.52 -10.23 -24.87
CA ILE A 173 15.18 -10.35 -23.42
C ILE A 173 16.17 -11.29 -22.73
N PRO A 174 16.96 -10.77 -21.77
CA PRO A 174 18.03 -11.61 -21.23
C PRO A 174 17.59 -12.79 -20.38
N VAL A 175 16.53 -12.66 -19.59
CA VAL A 175 16.15 -13.68 -18.62
C VAL A 175 14.64 -13.82 -18.62
N ILE A 176 14.16 -15.05 -18.64
CA ILE A 176 12.73 -15.35 -18.61
C ILE A 176 12.53 -16.38 -17.53
N LEU A 177 11.75 -16.04 -16.51
CA LEU A 177 11.36 -16.94 -15.46
C LEU A 177 9.91 -17.31 -15.75
N VAL A 178 9.70 -18.54 -16.21
CA VAL A 178 8.36 -19.05 -16.45
C VAL A 178 7.88 -19.66 -15.14
N THR A 179 6.92 -19.02 -14.52
CA THR A 179 6.65 -19.22 -13.08
C THR A 179 5.84 -20.47 -12.82
N SER A 180 5.12 -20.94 -13.84
CA SER A 180 4.32 -22.14 -13.69
C SER A 180 4.04 -22.77 -15.02
N ILE A 181 4.42 -24.04 -15.10
CA ILE A 181 4.11 -24.92 -16.21
C ILE A 181 3.54 -26.18 -15.58
N LYS A 182 2.33 -26.56 -15.97
CA LYS A 182 1.67 -27.79 -15.46
C LYS A 182 2.40 -29.05 -15.93
N GLU A 183 2.77 -29.91 -14.99
CA GLU A 183 3.35 -31.22 -15.29
C GLU A 183 2.81 -32.22 -14.25
N GLY A 184 1.75 -32.94 -14.62
CA GLY A 184 1.06 -33.85 -13.70
C GLY A 184 0.40 -33.12 -12.54
N ASN A 185 0.79 -33.46 -11.30
CA ASN A 185 0.37 -32.72 -10.09
C ASN A 185 1.48 -31.86 -9.52
N ASP A 186 2.46 -31.54 -10.36
CA ASP A 186 3.47 -30.57 -10.06
C ASP A 186 3.31 -29.37 -10.94
N ILE A 187 3.95 -28.32 -10.48
CA ILE A 187 4.17 -27.09 -11.20
C ILE A 187 5.66 -27.06 -11.46
N ILE A 188 6.07 -26.89 -12.72
CA ILE A 188 7.49 -26.62 -13.03
C ILE A 188 7.72 -25.16 -13.31
N LEU A 189 8.76 -24.61 -12.67
CA LEU A 189 9.27 -23.31 -12.97
C LEU A 189 10.50 -23.49 -13.83
N LEU A 190 10.63 -22.68 -14.88
CA LEU A 190 11.78 -22.69 -15.78
C LEU A 190 12.45 -21.32 -15.74
N CYS A 191 13.78 -21.29 -15.54
CA CYS A 191 14.56 -20.05 -15.67
C CYS A 191 15.46 -20.22 -16.88
N SER A 192 15.25 -19.35 -17.87
CA SER A 192 15.89 -19.49 -19.18
C SER A 192 16.68 -18.20 -19.42
N PHE A 193 17.92 -18.36 -19.90
CA PHE A 193 18.84 -17.26 -20.16
C PHE A 193 19.15 -17.16 -21.66
N LYS A 194 19.15 -15.94 -22.17
CA LYS A 194 19.64 -15.67 -23.54
C LYS A 194 21.10 -16.08 -23.68
N ASP A 195 21.89 -15.77 -22.65
CA ASP A 195 23.31 -16.10 -22.65
C ASP A 195 23.54 -17.36 -21.84
N THR A 196 23.58 -18.50 -22.52
CA THR A 196 23.78 -19.79 -21.89
C THR A 196 25.26 -20.15 -21.71
N LEU A 197 26.17 -19.37 -22.31
CA LEU A 197 27.61 -19.52 -22.04
C LEU A 197 27.92 -19.17 -20.58
N ASN A 198 27.35 -18.06 -20.10
CA ASN A 198 27.68 -17.54 -18.76
C ASN A 198 26.61 -17.76 -17.69
N ASN A 199 25.47 -18.34 -18.07
CA ASN A 199 24.39 -18.62 -17.13
C ASN A 199 23.89 -20.02 -17.38
N LYS A 200 23.37 -20.66 -16.35
CA LYS A 200 22.86 -22.03 -16.47
C LYS A 200 21.33 -22.05 -16.33
N ASN A 201 20.65 -22.54 -17.38
CA ASN A 201 19.22 -22.71 -17.30
C ASN A 201 18.87 -23.75 -16.26
N PHE A 202 17.72 -23.56 -15.60
CA PHE A 202 17.29 -24.49 -14.58
C PHE A 202 15.78 -24.59 -14.45
N THR A 203 15.36 -25.69 -13.84
CA THR A 203 13.97 -25.88 -13.43
C THR A 203 13.87 -26.16 -11.94
N ILE A 204 12.68 -25.90 -11.38
CA ILE A 204 12.33 -26.28 -10.03
C ILE A 204 10.97 -26.94 -10.11
N LYS A 205 10.84 -28.09 -9.45
CA LYS A 205 9.58 -28.84 -9.37
C LYS A 205 8.89 -28.53 -8.03
N ILE A 206 7.65 -28.08 -8.11
CA ILE A 206 6.87 -27.65 -6.95
C ILE A 206 5.58 -28.50 -6.87
N PRO A 207 5.34 -29.17 -5.72
CA PRO A 207 4.08 -29.95 -5.63
C PRO A 207 2.90 -29.02 -5.59
N ARG A 208 1.85 -29.31 -6.35
CA ARG A 208 0.69 -28.43 -6.36
C ARG A 208 -0.07 -28.55 -5.05
N ILE A 209 -0.45 -27.42 -4.48
CA ILE A 209 -1.34 -27.35 -3.33
C ILE A 209 -2.72 -27.10 -3.92
N GLU A 210 -3.73 -27.82 -3.44
CA GLU A 210 -5.08 -27.70 -4.00
C GLU A 210 -5.67 -26.29 -3.87
N GLY A 211 -6.19 -25.79 -4.98
CA GLY A 211 -6.73 -24.43 -5.07
C GLY A 211 -6.14 -23.68 -6.24
N ASP A 212 -6.91 -22.75 -6.82
CA ASP A 212 -6.34 -21.70 -7.69
C ASP A 212 -6.32 -20.39 -6.88
N PHE A 213 -5.11 -19.88 -6.67
CA PHE A 213 -4.88 -18.76 -5.77
C PHE A 213 -4.72 -17.50 -6.59
N THR A 214 -5.06 -16.38 -5.96
CA THR A 214 -4.97 -15.09 -6.61
C THR A 214 -3.87 -14.27 -5.89
N GLY A 215 -3.12 -13.52 -6.66
CA GLY A 215 -1.97 -12.76 -6.14
C GLY A 215 -0.68 -13.52 -5.90
N VAL A 216 -0.63 -14.78 -6.28
CA VAL A 216 0.56 -15.59 -6.01
C VAL A 216 1.74 -15.20 -6.89
N GLY A 217 1.48 -15.00 -8.17
CA GLY A 217 2.50 -14.51 -9.07
C GLY A 217 3.03 -13.15 -8.68
N ASP A 218 2.12 -12.28 -8.24
CA ASP A 218 2.54 -10.96 -7.77
C ASP A 218 3.46 -11.08 -6.54
N THR A 219 3.06 -11.92 -5.60
CA THR A 219 3.83 -12.16 -4.38
C THR A 219 5.20 -12.70 -4.75
N LEU A 220 5.26 -13.68 -5.64
CA LEU A 220 6.56 -14.17 -6.13
C LEU A 220 7.46 -13.05 -6.67
N THR A 221 6.89 -12.21 -7.52
CA THR A 221 7.60 -11.12 -8.17
C THR A 221 8.26 -10.23 -7.11
N TYR A 222 7.51 -9.81 -6.09
CA TYR A 222 8.09 -8.86 -5.11
C TYR A 222 9.05 -9.49 -4.11
N ILE A 223 8.86 -10.76 -3.78
CA ILE A 223 9.85 -11.44 -2.91
C ILE A 223 11.16 -11.64 -3.70
N LEU A 224 11.02 -12.17 -4.91
CA LEU A 224 12.20 -12.33 -5.80
C LEU A 224 12.98 -11.03 -5.99
N LEU A 225 12.27 -9.95 -6.33
CA LEU A 225 12.91 -8.62 -6.50
C LEU A 225 13.58 -8.14 -5.24
N SER A 226 12.92 -8.29 -4.08
CA SER A 226 13.52 -7.86 -2.81
C SER A 226 14.87 -8.55 -2.61
N TRP A 227 14.96 -9.86 -2.86
CA TRP A 227 16.23 -10.55 -2.66
C TRP A 227 17.29 -10.16 -3.71
N ILE A 228 16.87 -9.91 -4.94
CA ILE A 228 17.77 -9.32 -5.93
C ILE A 228 18.33 -7.98 -5.45
N ILE A 229 17.44 -7.14 -4.97
CA ILE A 229 17.84 -5.86 -4.41
C ILE A 229 18.86 -6.02 -3.28
N LYS A 230 18.63 -6.98 -2.39
CA LYS A 230 19.55 -7.26 -1.27
C LYS A 230 20.89 -7.90 -1.71
N GLY A 231 21.06 -8.19 -2.99
CA GLY A 231 22.32 -8.67 -3.53
C GLY A 231 22.43 -10.18 -3.64
N ILE A 232 21.31 -10.89 -3.49
CA ILE A 232 21.30 -12.37 -3.57
C ILE A 232 21.35 -12.80 -5.04
N PRO A 233 22.23 -13.75 -5.41
CA PRO A 233 22.20 -14.26 -6.79
C PRO A 233 20.84 -14.81 -7.16
N LEU A 234 20.48 -14.61 -8.42
CA LEU A 234 19.18 -15.00 -8.95
C LEU A 234 18.69 -16.37 -8.53
N GLU A 235 19.51 -17.42 -8.69
CA GLU A 235 19.14 -18.79 -8.32
C GLU A 235 18.62 -18.88 -6.90
N HIS A 236 19.37 -18.25 -5.99
CA HIS A 236 19.03 -18.29 -4.56
C HIS A 236 17.82 -17.40 -4.28
N ALA A 237 17.69 -16.24 -4.97
CA ALA A 237 16.53 -15.36 -4.83
C ALA A 237 15.26 -16.10 -5.26
N VAL A 238 15.34 -16.82 -6.37
CA VAL A 238 14.18 -17.56 -6.84
C VAL A 238 13.78 -18.67 -5.84
N ASN A 239 14.78 -19.41 -5.35
CA ASN A 239 14.53 -20.52 -4.41
C ASN A 239 13.92 -20.00 -3.12
N ARG A 240 14.46 -18.90 -2.60
CA ARG A 240 13.90 -18.29 -1.37
C ARG A 240 12.46 -17.84 -1.60
N ALA A 241 12.21 -17.23 -2.76
CA ALA A 241 10.90 -16.70 -3.07
C ALA A 241 9.88 -17.83 -3.20
N ILE A 242 10.24 -18.91 -3.91
CA ILE A 242 9.32 -20.03 -4.09
C ILE A 242 9.09 -20.75 -2.77
N SER A 243 10.13 -20.83 -1.94
CA SER A 243 10.04 -21.44 -0.62
C SER A 243 9.13 -20.68 0.28
N THR A 244 9.32 -19.36 0.35
CA THR A 244 8.47 -18.50 1.16
C THR A 244 7.02 -18.57 0.69
N LEU A 245 6.83 -18.61 -0.62
CA LEU A 245 5.47 -18.73 -1.16
C LEU A 245 4.78 -20.04 -0.76
N GLN A 246 5.51 -21.17 -0.76
CA GLN A 246 4.93 -22.43 -0.28
C GLN A 246 4.47 -22.31 1.14
N THR A 247 5.27 -21.64 1.97
CA THR A 247 4.89 -21.42 3.35
C THR A 247 3.59 -20.60 3.45
N ILE A 248 3.48 -19.55 2.66
CA ILE A 248 2.27 -18.72 2.66
C ILE A 248 1.05 -19.54 2.25
N LEU A 249 1.20 -20.32 1.19
CA LEU A 249 0.06 -21.10 0.69
C LEU A 249 -0.37 -22.23 1.62
N ARG A 250 0.61 -22.94 2.21
CA ARG A 250 0.30 -23.96 3.22
C ARG A 250 -0.47 -23.38 4.39
N ASN A 251 -0.23 -22.09 4.66
CA ASN A 251 -0.92 -21.40 5.73
C ASN A 251 -2.11 -20.55 5.34
N THR A 252 -2.61 -20.75 4.12
CA THR A 252 -3.74 -20.01 3.60
C THR A 252 -4.96 -20.91 3.64
N VAL A 253 -6.05 -20.40 4.22
CA VAL A 253 -7.27 -21.21 4.41
C VAL A 253 -8.23 -21.16 3.24
N GLY A 254 -8.55 -19.97 2.71
CA GLY A 254 -9.40 -19.90 1.51
C GLY A 254 -8.59 -20.13 0.25
N THR A 255 -9.22 -19.88 -0.89
CA THR A 255 -8.48 -19.55 -2.11
C THR A 255 -8.77 -18.11 -2.55
N ALA A 256 -9.71 -17.44 -1.87
CA ALA A 256 -10.09 -16.06 -2.15
C ALA A 256 -8.90 -15.12 -2.00
N GLU A 257 -8.18 -15.24 -0.88
CA GLU A 257 -7.05 -14.34 -0.55
C GLU A 257 -5.90 -15.08 0.14
N ILE A 258 -4.67 -14.82 -0.32
CA ILE A 258 -3.48 -15.40 0.30
C ILE A 258 -3.21 -14.77 1.65
N ASN A 259 -2.66 -15.55 2.56
CA ASN A 259 -2.48 -15.14 3.95
C ASN A 259 -1.18 -14.33 4.19
N ILE A 260 -0.98 -13.28 3.42
CA ILE A 260 0.27 -12.58 3.42
C ILE A 260 0.45 -11.72 4.68
N ILE A 261 -0.62 -11.16 5.23
CA ILE A 261 -0.48 -10.28 6.45
C ILE A 261 0.06 -11.07 7.65
N ASN A 262 -0.54 -12.21 7.94
CA ASN A 262 -0.06 -13.08 9.01
C ASN A 262 1.31 -13.69 8.77
N CYS A 263 1.71 -13.76 7.50
CA CYS A 263 2.98 -14.30 7.11
C CYS A 263 4.06 -13.24 6.96
N ILE A 264 3.77 -11.96 7.29
CA ILE A 264 4.80 -10.93 7.19
C ILE A 264 6.13 -11.30 7.87
N PRO A 265 6.11 -11.94 9.05
CA PRO A 265 7.35 -12.33 9.74
C PRO A 265 8.24 -13.35 9.02
N TYR A 266 7.68 -14.05 8.03
CA TYR A 266 8.37 -15.09 7.26
C TYR A 266 8.77 -14.60 5.87
N LEU A 267 8.47 -13.34 5.52
CA LEU A 267 8.71 -12.86 4.17
C LEU A 267 10.21 -12.76 3.84
N LYS A 268 11.01 -12.45 4.86
CA LYS A 268 12.47 -12.38 4.76
C LYS A 268 13.15 -13.69 5.09
N GLY A 269 12.39 -14.79 5.08
CA GLY A 269 12.94 -16.14 5.25
C GLY A 269 14.01 -16.44 4.25
N THR A 270 15.04 -17.13 4.71
CA THR A 270 16.17 -17.49 3.88
C THR A 270 16.21 -18.95 3.57
N GLU A 271 15.22 -19.73 4.02
CA GLU A 271 15.17 -21.18 3.66
C GLU A 271 15.03 -21.35 2.16
N GLU A 272 15.85 -22.25 1.63
CA GLU A 272 15.81 -22.61 0.22
C GLU A 272 15.48 -24.09 0.18
N SER A 273 14.19 -24.38 0.16
CA SER A 273 13.65 -25.72 0.36
C SER A 273 13.60 -26.58 -0.89
N PHE A 274 13.82 -25.98 -2.07
CA PHE A 274 13.69 -26.73 -3.33
C PHE A 274 15.04 -26.95 -3.93
N THR A 275 15.09 -27.90 -4.85
CA THR A 275 16.30 -28.22 -5.55
C THR A 275 16.34 -27.44 -6.84
N ILE A 276 17.46 -26.77 -7.09
CA ILE A 276 17.78 -26.15 -8.38
C ILE A 276 18.28 -27.25 -9.30
N THR A 277 17.52 -27.53 -10.35
CA THR A 277 17.91 -28.60 -11.30
C THR A 277 18.36 -28.00 -12.61
N TYR A 278 19.65 -28.15 -12.92
CA TYR A 278 20.19 -27.68 -14.20
C TYR A 278 19.79 -28.59 -15.31
N ILE A 279 19.28 -27.98 -16.38
CA ILE A 279 18.81 -28.78 -17.52
C ILE A 279 19.70 -28.60 -18.73
N LEU A 280 19.60 -29.56 -19.64
CA LEU A 280 20.11 -29.38 -21.00
C LEU A 280 19.29 -28.27 -21.70
N GLU A 281 19.98 -27.36 -22.38
CA GLU A 281 19.37 -26.16 -23.00
C GLU A 281 18.29 -26.52 -24.03
N HIS A 282 18.43 -27.45 -24.80
CA HIS A 282 17.79 -27.59 -26.10
C HIS A 282 16.42 -28.31 -25.90
N HIS A 283 15.44 -27.76 -26.44
CA HIS A 283 14.06 -28.22 -26.28
C HIS A 283 13.84 -29.71 -26.52
N HIS A 284 14.63 -30.30 -27.42
CA HIS A 284 14.39 -31.70 -27.82
C HIS A 284 14.83 -32.73 -26.76
N HIS A 285 15.57 -32.29 -25.74
CA HIS A 285 15.91 -33.12 -24.56
C HIS A 285 14.79 -33.21 -23.50
N HIS A 286 13.66 -32.56 -23.76
CA HIS A 286 12.58 -32.43 -22.76
C HIS A 286 11.22 -32.80 -23.33
N HIS A 287 10.34 -33.27 -22.44
CA HIS A 287 8.91 -32.98 -22.48
C HIS A 287 8.23 -33.13 -23.84
N MET B 1 -9.74 -15.28 8.22
CA MET B 1 -9.27 -13.96 7.69
C MET B 1 -10.45 -13.01 7.46
N THR B 2 -10.66 -12.10 8.40
CA THR B 2 -11.70 -11.10 8.28
C THR B 2 -11.06 -9.71 8.42
N ASN B 3 -11.59 -8.76 7.65
CA ASN B 3 -11.20 -7.36 7.78
C ASN B 3 -11.77 -6.77 9.07
N LYS B 4 -10.88 -6.25 9.89
CA LYS B 4 -11.23 -5.68 11.18
C LYS B 4 -11.35 -4.16 11.13
N VAL B 5 -10.59 -3.51 10.25
CA VAL B 5 -10.54 -2.07 10.10
C VAL B 5 -10.94 -1.65 8.67
N LEU B 6 -11.73 -0.61 8.55
CA LEU B 6 -11.94 0.07 7.28
C LEU B 6 -11.37 1.47 7.48
N THR B 7 -10.47 1.87 6.60
CA THR B 7 -9.87 3.19 6.67
C THR B 7 -9.99 3.89 5.30
N ILE B 8 -10.53 5.10 5.35
CA ILE B 8 -10.84 5.90 4.19
C ILE B 8 -10.01 7.17 4.28
N SER B 9 -9.06 7.35 3.38
CA SER B 9 -8.14 8.47 3.46
C SER B 9 -7.31 8.56 2.17
N SER B 10 -6.35 9.49 2.16
CA SER B 10 -5.64 9.84 0.96
C SER B 10 -4.58 8.80 0.62
N TYR B 11 -4.12 8.84 -0.62
CA TYR B 11 -3.04 8.00 -1.06
C TYR B 11 -2.03 8.83 -1.85
N VAL B 12 -0.74 8.58 -1.55
CA VAL B 12 0.37 9.17 -2.28
C VAL B 12 1.26 8.04 -2.77
N CYS B 13 1.72 8.15 -4.01
CA CYS B 13 2.59 7.12 -4.61
C CYS B 13 3.95 7.11 -3.97
N SER B 14 4.44 8.28 -3.61
CA SER B 14 5.73 8.46 -2.97
C SER B 14 5.49 9.17 -1.65
N GLY B 15 6.31 8.84 -0.66
CA GLY B 15 6.15 9.38 0.67
C GLY B 15 5.01 8.83 1.51
N PHE B 16 4.74 9.52 2.63
CA PHE B 16 3.93 8.91 3.69
C PHE B 16 2.97 9.92 4.31
N VAL B 17 1.73 9.83 3.87
CA VAL B 17 0.60 10.46 4.49
C VAL B 17 -0.58 9.52 4.36
N GLY B 18 -1.62 9.83 5.12
CA GLY B 18 -2.92 9.22 5.00
C GLY B 18 -2.89 7.71 5.00
N ASN B 19 -3.63 7.13 4.06
CA ASN B 19 -3.70 5.67 3.99
C ASN B 19 -2.41 4.98 3.75
N ARG B 20 -1.40 5.65 3.16
CA ARG B 20 -0.10 5.05 3.02
C ARG B 20 0.58 4.83 4.38
N CYS B 21 0.52 5.81 5.27
CA CYS B 21 0.88 5.60 6.69
C CYS B 21 0.07 4.51 7.33
N GLY B 22 -1.23 4.50 7.08
CA GLY B 22 -2.13 3.49 7.62
C GLY B 22 -1.73 2.09 7.20
N MET B 23 -1.37 1.93 5.93
CA MET B 23 -1.01 0.61 5.44
C MET B 23 0.25 0.15 6.14
N ILE B 24 1.26 0.99 6.19
CA ILE B 24 2.54 0.65 6.77
C ILE B 24 2.34 0.23 8.22
N ILE B 25 1.57 1.03 8.97
CA ILE B 25 1.44 0.80 10.41
C ILE B 25 0.53 -0.44 10.70
N LEU B 26 -0.67 -0.47 10.13
CA LEU B 26 -1.58 -1.58 10.33
C LEU B 26 -1.02 -2.91 9.78
N ASP B 27 -0.33 -2.86 8.64
CA ASP B 27 0.37 -4.06 8.16
C ASP B 27 1.42 -4.54 9.18
N SER B 28 2.23 -3.61 9.71
CA SER B 28 3.26 -4.00 10.67
C SER B 28 2.67 -4.57 11.99
N PHE B 29 1.49 -4.10 12.38
CA PHE B 29 0.77 -4.64 13.56
C PHE B 29 -0.04 -5.87 13.19
N GLN B 30 -0.05 -6.27 11.92
CA GLN B 30 -0.81 -7.43 11.42
C GLN B 30 -2.31 -7.35 11.69
N ILE B 31 -2.85 -6.17 11.48
CA ILE B 31 -4.27 -5.88 11.67
C ILE B 31 -4.86 -5.84 10.26
N GLN B 32 -5.68 -6.84 9.94
CA GLN B 32 -6.23 -6.93 8.59
C GLN B 32 -7.22 -5.78 8.36
N SER B 33 -6.97 -5.01 7.30
CA SER B 33 -7.67 -3.76 7.06
C SER B 33 -8.01 -3.55 5.58
N ILE B 34 -9.08 -2.80 5.35
CA ILE B 34 -9.49 -2.33 4.04
C ILE B 34 -9.03 -0.86 3.93
N PHE B 35 -8.33 -0.55 2.83
CA PHE B 35 -7.82 0.78 2.56
C PHE B 35 -8.52 1.35 1.33
N VAL B 36 -9.58 2.13 1.58
CA VAL B 36 -10.28 2.82 0.49
C VAL B 36 -9.60 4.17 0.30
N LEU B 37 -9.16 4.44 -0.91
CA LEU B 37 -8.48 5.71 -1.19
C LEU B 37 -9.44 6.86 -1.53
N THR B 38 -9.09 8.06 -1.07
CA THR B 38 -9.82 9.26 -1.49
C THR B 38 -9.07 10.10 -2.52
N THR B 39 -7.80 9.76 -2.73
CA THR B 39 -6.99 10.41 -3.76
C THR B 39 -6.03 9.40 -4.32
N HIS B 40 -5.49 9.76 -5.48
CA HIS B 40 -4.33 9.06 -6.04
C HIS B 40 -3.37 10.13 -6.52
N LEU B 41 -2.49 10.55 -5.63
CA LEU B 41 -1.55 11.61 -5.91
C LEU B 41 -0.14 11.08 -6.02
N ALA B 42 0.70 11.79 -6.73
CA ALA B 42 2.12 11.45 -6.83
C ALA B 42 2.82 11.58 -5.48
N ASN B 43 2.50 12.66 -4.79
CA ASN B 43 3.20 13.04 -3.53
C ASN B 43 2.32 13.95 -2.72
N HIS B 44 2.72 14.27 -1.49
CA HIS B 44 1.82 15.06 -0.66
C HIS B 44 1.73 16.52 -1.08
N THR B 45 0.78 17.24 -0.48
CA THR B 45 0.42 18.60 -0.85
C THR B 45 1.46 19.68 -0.48
N GLY B 46 2.40 19.33 0.40
CA GLY B 46 3.59 20.10 0.69
C GLY B 46 4.56 20.40 -0.43
N TYR B 47 4.52 19.62 -1.53
CA TYR B 47 5.42 19.86 -2.66
C TYR B 47 4.82 20.92 -3.60
N PRO B 48 5.65 21.57 -4.41
CA PRO B 48 5.22 22.60 -5.37
C PRO B 48 4.26 22.14 -6.45
N VAL B 49 4.35 20.86 -6.85
CA VAL B 49 3.38 20.29 -7.80
C VAL B 49 2.89 19.01 -7.17
N VAL B 50 1.59 18.75 -7.31
CA VAL B 50 0.93 17.61 -6.74
C VAL B 50 0.11 16.93 -7.86
N GLY B 51 0.74 16.00 -8.56
CA GLY B 51 0.08 15.38 -9.70
C GLY B 51 -0.92 14.35 -9.24
N GLY B 52 -1.90 14.09 -10.09
CA GLY B 52 -2.95 13.11 -9.82
C GLY B 52 -4.23 13.79 -9.38
N SER B 53 -5.22 12.98 -9.05
CA SER B 53 -6.61 13.44 -8.87
C SER B 53 -7.24 12.87 -7.63
N GLY B 54 -8.25 13.59 -7.18
CA GLY B 54 -9.11 13.09 -6.13
C GLY B 54 -9.95 11.99 -6.72
N VAL B 55 -10.33 11.06 -5.86
CA VAL B 55 -11.23 9.99 -6.23
C VAL B 55 -12.63 10.59 -6.48
N LEU B 56 -13.26 10.14 -7.56
CA LEU B 56 -14.57 10.66 -7.95
C LEU B 56 -15.66 9.94 -7.17
N LEU B 57 -16.71 10.68 -6.82
CA LEU B 57 -17.80 10.13 -6.05
C LEU B 57 -18.35 8.81 -6.59
N ASN B 58 -18.52 8.74 -7.90
CA ASN B 58 -19.13 7.52 -8.46
C ASN B 58 -18.24 6.29 -8.22
N ASP B 59 -16.93 6.48 -8.31
CA ASP B 59 -15.97 5.41 -8.07
C ASP B 59 -15.96 5.03 -6.60
N PHE B 60 -16.02 6.03 -5.72
CA PHE B 60 -16.10 5.76 -4.30
C PHE B 60 -17.34 4.93 -3.95
N ILE B 61 -18.49 5.30 -4.50
CA ILE B 61 -19.75 4.57 -4.30
C ILE B 61 -19.60 3.14 -4.84
N SER B 62 -19.03 3.01 -6.02
CA SER B 62 -18.87 1.71 -6.63
C SER B 62 -18.04 0.80 -5.72
N ILE B 63 -16.94 1.34 -5.21
CA ILE B 63 -16.08 0.61 -4.29
C ILE B 63 -16.81 0.23 -3.00
N MET B 64 -17.48 1.20 -2.38
CA MET B 64 -18.15 0.90 -1.13
C MET B 64 -19.26 -0.15 -1.33
N ASP B 65 -19.99 -0.03 -2.43
CA ASP B 65 -21.03 -1.00 -2.76
C ASP B 65 -20.45 -2.39 -2.94
N SER B 66 -19.33 -2.47 -3.64
CA SER B 66 -18.67 -3.74 -3.88
C SER B 66 -18.18 -4.42 -2.59
N LEU B 67 -17.59 -3.65 -1.69
CA LEU B 67 -17.22 -4.17 -0.37
C LEU B 67 -18.40 -4.72 0.40
N GLU B 68 -19.53 -4.02 0.36
CA GLU B 68 -20.75 -4.47 1.03
C GLU B 68 -21.32 -5.75 0.41
N VAL B 69 -21.51 -5.75 -0.90
CA VAL B 69 -22.15 -6.87 -1.61
C VAL B 69 -21.33 -8.14 -1.48
N ASN B 70 -20.00 -8.01 -1.56
CA ASN B 70 -19.11 -9.15 -1.36
C ASN B 70 -18.83 -9.54 0.09
N HIS B 71 -19.52 -8.88 1.04
CA HIS B 71 -19.42 -9.16 2.47
C HIS B 71 -18.02 -8.98 3.07
N LEU B 72 -17.24 -8.10 2.45
CA LEU B 72 -15.86 -7.86 2.87
C LEU B 72 -15.75 -6.89 4.04
N ASP B 73 -16.84 -6.18 4.33
CA ASP B 73 -16.90 -5.23 5.44
C ASP B 73 -17.86 -5.65 6.57
N LYS B 74 -18.27 -6.91 6.59
CA LYS B 74 -19.32 -7.35 7.51
C LYS B 74 -18.85 -7.43 8.96
N ASP B 75 -17.53 -7.56 9.14
CA ASP B 75 -16.91 -7.85 10.42
C ASP B 75 -16.09 -6.68 10.95
N ILE B 76 -16.18 -5.53 10.28
CA ILE B 76 -15.47 -4.30 10.68
C ILE B 76 -15.82 -3.98 12.15
N GLU B 77 -14.79 -3.76 12.97
CA GLU B 77 -14.95 -3.26 14.35
C GLU B 77 -14.43 -1.87 14.56
N PHE B 78 -13.66 -1.36 13.59
CA PHE B 78 -12.96 -0.09 13.70
C PHE B 78 -13.02 0.63 12.36
N LEU B 79 -13.29 1.92 12.42
CA LEU B 79 -13.37 2.79 11.26
C LEU B 79 -12.45 3.95 11.47
N VAL B 80 -11.72 4.33 10.42
CA VAL B 80 -10.88 5.51 10.42
C VAL B 80 -11.19 6.30 9.17
N THR B 81 -11.37 7.61 9.32
CA THR B 81 -11.41 8.49 8.17
C THR B 81 -10.29 9.52 8.32
N GLY B 82 -9.76 9.93 7.16
CA GLY B 82 -8.70 10.92 7.10
C GLY B 82 -9.02 12.02 6.12
N TYR B 83 -8.14 12.19 5.15
CA TYR B 83 -8.22 13.26 4.20
C TYR B 83 -9.33 13.02 3.21
N PHE B 84 -10.11 14.06 2.94
CA PHE B 84 -11.01 14.05 1.79
C PHE B 84 -10.72 15.26 0.86
N PRO B 85 -10.71 15.07 -0.47
CA PRO B 85 -10.47 16.18 -1.39
C PRO B 85 -11.70 17.05 -1.68
N SER B 86 -12.90 16.52 -1.39
CA SER B 86 -14.15 17.15 -1.76
C SER B 86 -15.24 16.77 -0.79
N SER B 87 -16.19 17.67 -0.59
CA SER B 87 -17.27 17.44 0.35
C SER B 87 -18.26 16.33 -0.05
N ASP B 88 -18.45 16.09 -1.34
CA ASP B 88 -19.34 15.00 -1.75
C ASP B 88 -18.97 13.63 -1.15
N LEU B 89 -17.66 13.36 -1.10
CA LEU B 89 -17.16 12.13 -0.50
C LEU B 89 -17.39 12.12 1.00
N VAL B 90 -17.32 13.28 1.65
CA VAL B 90 -17.55 13.34 3.08
C VAL B 90 -19.00 13.01 3.41
N TYR B 91 -19.94 13.61 2.66
CA TYR B 91 -21.36 13.36 2.89
C TYR B 91 -21.71 11.90 2.59
N GLU B 92 -21.13 11.33 1.56
CA GLU B 92 -21.38 9.89 1.29
C GLU B 92 -20.84 9.02 2.43
N THR B 93 -19.65 9.36 2.91
CA THR B 93 -19.02 8.62 4.00
C THR B 93 -19.93 8.68 5.24
N ILE B 94 -20.54 9.84 5.53
CA ILE B 94 -21.52 9.92 6.60
C ILE B 94 -22.63 8.88 6.45
N ASN B 95 -23.21 8.77 5.25
CA ASN B 95 -24.20 7.71 4.96
C ASN B 95 -23.65 6.30 5.24
N ARG B 96 -22.41 6.03 4.81
CA ARG B 96 -21.81 4.73 5.06
C ARG B 96 -21.54 4.46 6.53
N VAL B 97 -21.08 5.48 7.25
CA VAL B 97 -20.79 5.35 8.67
C VAL B 97 -22.02 4.98 9.45
N LYS B 98 -23.13 5.68 9.15
CA LYS B 98 -24.40 5.40 9.79
C LYS B 98 -24.82 3.95 9.57
N ARG B 99 -24.70 3.49 8.33
CA ARG B 99 -25.01 2.09 8.02
C ARG B 99 -24.10 1.10 8.77
N ILE B 100 -22.79 1.39 8.81
CA ILE B 100 -21.81 0.43 9.40
C ILE B 100 -22.05 0.32 10.91
N LYS B 101 -22.43 1.44 11.53
CA LYS B 101 -22.76 1.47 12.97
C LYS B 101 -24.16 0.98 13.38
N ASP B 102 -25.00 0.63 12.41
CA ASP B 102 -26.37 0.19 12.68
C ASP B 102 -26.49 -1.28 13.11
N ASN B 103 -25.61 -2.15 12.62
CA ASN B 103 -25.72 -3.59 12.92
C ASN B 103 -24.70 -4.14 13.92
N LYS B 104 -23.76 -3.29 14.34
CA LYS B 104 -22.70 -3.70 15.24
C LYS B 104 -22.05 -2.49 15.89
N LYS B 105 -21.32 -2.75 16.97
CA LYS B 105 -20.53 -1.71 17.61
C LYS B 105 -19.26 -1.51 16.76
N VAL B 106 -19.06 -0.27 16.29
CA VAL B 106 -17.90 0.06 15.49
C VAL B 106 -17.30 1.32 16.11
N TYR B 107 -16.03 1.23 16.48
CA TYR B 107 -15.28 2.37 17.03
C TYR B 107 -14.76 3.22 15.87
N PHE B 108 -15.27 4.47 15.77
CA PHE B 108 -14.91 5.37 14.69
C PHE B 108 -13.98 6.47 15.17
N LEU B 109 -12.75 6.42 14.70
CA LEU B 109 -11.74 7.46 14.91
C LEU B 109 -11.76 8.33 13.67
N CYS B 110 -12.24 9.56 13.82
CA CYS B 110 -12.25 10.54 12.74
C CYS B 110 -11.04 11.43 12.90
N ASP B 111 -10.16 11.41 11.93
CA ASP B 111 -8.99 12.28 11.94
C ASP B 111 -9.23 13.36 10.91
N PRO B 112 -9.68 14.55 11.33
CA PRO B 112 -10.01 15.60 10.39
C PRO B 112 -8.75 16.21 9.87
N ILE B 113 -8.60 16.22 8.55
CA ILE B 113 -7.42 16.77 7.93
C ILE B 113 -7.83 17.99 7.19
N LEU B 114 -7.50 19.14 7.77
CA LEU B 114 -7.92 20.41 7.21
C LEU B 114 -6.76 21.38 7.04
N GLY B 115 -5.80 21.40 7.96
CA GLY B 115 -4.71 22.35 7.85
C GLY B 115 -3.75 22.32 9.01
N ASP B 116 -2.83 23.27 9.01
CA ASP B 116 -1.86 23.38 10.07
C ASP B 116 -1.30 24.77 10.07
N ASN B 117 -0.68 25.17 11.18
CA ASN B 117 -0.05 26.48 11.29
C ASN B 117 -1.00 27.63 10.95
N GLY B 118 -2.27 27.46 11.34
CA GLY B 118 -3.32 28.45 11.09
C GLY B 118 -3.82 28.58 9.66
N LYS B 119 -3.39 27.72 8.75
CA LYS B 119 -3.73 27.78 7.34
C LYS B 119 -4.47 26.52 6.90
N MET B 120 -5.38 26.67 5.99
CA MET B 120 -6.19 25.61 5.45
C MET B 120 -5.40 24.95 4.37
N TYR B 121 -5.25 23.63 4.37
CA TYR B 121 -4.59 23.01 3.22
C TYR B 121 -5.71 22.65 2.25
N THR B 122 -6.77 22.07 2.81
CA THR B 122 -7.82 21.44 2.05
C THR B 122 -8.77 22.41 1.40
N LYS B 123 -9.37 21.97 0.30
CA LYS B 123 -10.37 22.72 -0.38
C LYS B 123 -11.40 23.21 0.62
N SER B 124 -11.78 24.44 0.49
CA SER B 124 -12.54 25.02 1.55
C SER B 124 -13.88 24.39 1.80
N GLU B 125 -14.39 23.65 0.83
CA GLU B 125 -15.73 23.11 0.93
C GLU B 125 -15.81 22.03 1.97
N VAL B 126 -14.68 21.39 2.16
CA VAL B 126 -14.59 20.27 3.04
C VAL B 126 -14.91 20.60 4.51
N GLN B 127 -14.50 21.77 4.95
CA GLN B 127 -14.68 22.15 6.34
C GLN B 127 -16.07 21.92 6.90
N ASP B 128 -17.05 22.46 6.23
CA ASP B 128 -18.43 22.35 6.69
C ASP B 128 -18.88 20.92 6.74
N SER B 129 -18.51 20.12 5.73
CA SER B 129 -18.90 18.72 5.70
C SER B 129 -18.21 17.92 6.83
N MET B 130 -16.97 18.27 7.14
CA MET B 130 -16.26 17.67 8.26
C MET B 130 -16.88 18.00 9.62
N LYS B 131 -17.44 19.19 9.78
CA LYS B 131 -18.18 19.52 11.00
C LYS B 131 -19.35 18.57 11.25
N GLU B 132 -19.92 18.04 10.17
CA GLU B 132 -20.98 17.03 10.29
C GLU B 132 -20.42 15.65 10.56
N LEU B 133 -19.36 15.27 9.84
CA LEU B 133 -18.79 13.92 9.99
C LEU B 133 -18.32 13.66 11.43
N ILE B 134 -17.69 14.65 12.05
CA ILE B 134 -17.14 14.46 13.38
C ILE B 134 -18.20 14.08 14.41
N LYS B 135 -19.46 14.45 14.17
CA LYS B 135 -20.54 14.17 15.09
C LYS B 135 -20.85 12.69 15.27
N TYR B 136 -20.38 11.85 14.33
CA TYR B 136 -20.54 10.39 14.40
C TYR B 136 -19.34 9.64 15.02
N ALA B 137 -18.26 10.36 15.29
CA ALA B 137 -17.03 9.77 15.80
C ALA B 137 -17.06 9.44 17.29
N ASP B 138 -16.40 8.36 17.63
CA ASP B 138 -16.14 8.01 19.04
C ASP B 138 -14.97 8.79 19.61
N ILE B 139 -14.02 9.14 18.74
CA ILE B 139 -12.86 9.92 19.08
C ILE B 139 -12.43 10.70 17.85
N ILE B 140 -11.94 11.93 18.04
CA ILE B 140 -11.40 12.71 16.95
C ILE B 140 -9.99 13.18 17.33
N THR B 141 -9.12 13.31 16.31
CA THR B 141 -7.70 13.60 16.51
C THR B 141 -7.19 14.80 15.68
N PRO B 142 -7.79 15.96 15.86
CA PRO B 142 -7.28 17.18 15.19
C PRO B 142 -6.02 17.73 15.83
N ASN B 143 -5.23 18.45 15.04
CA ASN B 143 -4.27 19.41 15.63
C ASN B 143 -5.02 20.69 16.04
N ALA B 144 -4.29 21.64 16.63
CA ALA B 144 -4.93 22.87 17.14
C ALA B 144 -5.60 23.67 16.03
N THR B 145 -4.96 23.75 14.89
CA THR B 145 -5.53 24.48 13.76
C THR B 145 -6.88 23.88 13.33
N GLU B 146 -6.89 22.57 13.24
CA GLU B 146 -8.07 21.83 12.81
C GLU B 146 -9.20 22.03 13.82
N LEU B 147 -8.87 21.94 15.10
CA LEU B 147 -9.84 22.27 16.17
C LEU B 147 -10.42 23.66 16.01
N SER B 148 -9.57 24.63 15.70
CA SER B 148 -10.04 25.98 15.43
C SER B 148 -10.99 26.05 14.23
N PHE B 149 -10.66 25.34 13.15
CA PHE B 149 -11.55 25.34 11.99
C PHE B 149 -12.88 24.63 12.22
N LEU B 150 -12.90 23.64 13.10
CA LEU B 150 -14.12 22.89 13.39
C LEU B 150 -15.05 23.63 14.35
N THR B 151 -14.54 24.65 15.04
CA THR B 151 -15.34 25.39 16.05
C THR B 151 -15.47 26.91 15.81
N GLY B 152 -14.59 27.47 14.98
CA GLY B 152 -14.53 28.92 14.79
C GLY B 152 -13.78 29.70 15.88
N LEU B 153 -13.19 28.97 16.83
CA LEU B 153 -12.47 29.59 17.95
C LEU B 153 -11.02 29.59 17.65
N GLU B 154 -10.32 30.64 18.07
CA GLU B 154 -8.86 30.61 18.09
C GLU B 154 -8.44 29.54 19.08
N VAL B 155 -7.39 28.80 18.74
CA VAL B 155 -6.83 27.80 19.64
C VAL B 155 -5.34 28.02 19.66
N ASN B 156 -4.91 28.83 20.61
CA ASN B 156 -3.50 29.24 20.77
C ASN B 156 -2.94 28.85 22.13
N SER B 157 -3.68 28.06 22.88
CA SER B 157 -3.26 27.65 24.22
C SER B 157 -4.11 26.49 24.64
N VAL B 158 -3.72 25.84 25.73
CA VAL B 158 -4.52 24.74 26.29
C VAL B 158 -5.90 25.25 26.73
N SER B 159 -5.97 26.39 27.40
CA SER B 159 -7.26 26.86 27.86
C SER B 159 -8.20 27.04 26.67
N GLU B 160 -7.70 27.70 25.61
CA GLU B 160 -8.51 27.88 24.42
C GLU B 160 -8.91 26.53 23.85
N ALA B 161 -7.98 25.57 23.77
CA ALA B 161 -8.36 24.22 23.33
C ALA B 161 -9.44 23.59 24.17
N ILE B 162 -9.38 23.77 25.49
CA ILE B 162 -10.43 23.23 26.38
C ILE B 162 -11.78 23.78 25.99
N LYS B 163 -11.85 25.12 25.83
CA LYS B 163 -13.11 25.76 25.45
C LYS B 163 -13.66 25.27 24.13
N ALA B 164 -12.77 25.09 23.15
CA ALA B 164 -13.18 24.65 21.82
C ALA B 164 -13.65 23.19 21.91
N CYS B 165 -12.96 22.37 22.71
CA CYS B 165 -13.39 20.96 22.89
C CYS B 165 -14.80 20.88 23.51
N HIS B 166 -15.09 21.77 24.44
CA HIS B 166 -16.41 21.79 25.07
C HIS B 166 -17.52 21.90 24.00
N ILE B 167 -17.30 22.77 23.01
CA ILE B 167 -18.30 23.01 21.97
C ILE B 167 -18.60 21.70 21.26
N LEU B 168 -17.54 20.97 20.97
CA LEU B 168 -17.69 19.70 20.27
C LEU B 168 -18.27 18.61 21.16
N HIS B 169 -17.85 18.55 22.43
CA HIS B 169 -18.49 17.63 23.39
C HIS B 169 -19.99 17.87 23.53
N GLU B 170 -20.40 19.13 23.53
CA GLU B 170 -21.82 19.47 23.60
C GLU B 170 -22.61 18.99 22.40
N GLN B 171 -21.95 18.82 21.25
CA GLN B 171 -22.54 18.18 20.06
C GLN B 171 -22.56 16.65 20.13
N GLY B 172 -21.97 16.08 21.18
CA GLY B 172 -22.02 14.64 21.43
C GLY B 172 -20.70 13.90 21.30
N ILE B 173 -19.62 14.55 20.87
CA ILE B 173 -18.36 13.86 20.60
C ILE B 173 -17.72 13.42 21.91
N PRO B 174 -17.56 12.11 22.14
CA PRO B 174 -17.10 11.70 23.47
C PRO B 174 -15.66 12.05 23.84
N VAL B 175 -14.75 11.99 22.88
CA VAL B 175 -13.32 12.13 23.18
C VAL B 175 -12.66 12.94 22.09
N ILE B 176 -11.82 13.89 22.49
CA ILE B 176 -11.10 14.73 21.55
C ILE B 176 -9.65 14.73 21.98
N LEU B 177 -8.78 14.26 21.08
CA LEU B 177 -7.35 14.26 21.28
C LEU B 177 -6.79 15.37 20.42
N VAL B 178 -6.41 16.49 21.03
CA VAL B 178 -5.79 17.58 20.32
C VAL B 178 -4.30 17.30 20.26
N THR B 179 -3.81 17.01 19.06
CA THR B 179 -2.52 16.34 18.88
C THR B 179 -1.32 17.27 18.99
N SER B 180 -1.57 18.58 18.84
CA SER B 180 -0.51 19.57 19.01
C SER B 180 -1.09 20.95 19.27
N ILE B 181 -0.58 21.53 20.33
CA ILE B 181 -0.81 22.92 20.73
C ILE B 181 0.56 23.47 21.07
N LYS B 182 0.97 24.53 20.38
CA LYS B 182 2.26 25.22 20.69
C LYS B 182 2.23 25.87 22.08
N GLU B 183 3.24 25.55 22.88
CA GLU B 183 3.46 26.21 24.16
C GLU B 183 4.97 26.38 24.33
N GLY B 184 5.46 27.57 23.98
CA GLY B 184 6.90 27.84 23.96
C GLY B 184 7.64 26.97 22.95
N ASN B 185 8.63 26.21 23.43
CA ASN B 185 9.36 25.23 22.60
C ASN B 185 8.87 23.79 22.87
N ASP B 186 7.68 23.68 23.46
CA ASP B 186 7.01 22.38 23.62
C ASP B 186 5.77 22.32 22.77
N ILE B 187 5.33 21.08 22.54
CA ILE B 187 4.07 20.73 21.92
C ILE B 187 3.24 20.10 23.04
N ILE B 188 2.04 20.65 23.28
CA ILE B 188 1.15 20.03 24.25
C ILE B 188 0.08 19.26 23.51
N LEU B 189 -0.11 18.01 23.93
CA LEU B 189 -1.23 17.21 23.52
C LEU B 189 -2.26 17.26 24.64
N LEU B 190 -3.53 17.40 24.27
CA LEU B 190 -4.65 17.44 25.22
C LEU B 190 -5.63 16.34 24.88
N CYS B 191 -6.04 15.59 25.90
CA CYS B 191 -7.09 14.59 25.74
C CYS B 191 -8.26 15.06 26.62
N SER B 192 -9.39 15.33 25.97
CA SER B 192 -10.55 15.88 26.62
C SER B 192 -11.74 14.94 26.46
N PHE B 193 -12.49 14.76 27.55
CA PHE B 193 -13.63 13.86 27.60
C PHE B 193 -14.94 14.60 27.87
N LYS B 194 -15.97 14.22 27.12
CA LYS B 194 -17.33 14.66 27.40
C LYS B 194 -17.76 14.20 28.80
N ASP B 195 -17.41 12.96 29.13
CA ASP B 195 -17.80 12.36 30.42
C ASP B 195 -16.61 12.45 31.38
N THR B 196 -16.59 13.50 32.17
CA THR B 196 -15.52 13.71 33.13
C THR B 196 -15.75 12.95 34.43
N LEU B 197 -16.95 12.40 34.63
CA LEU B 197 -17.23 11.56 35.81
C LEU B 197 -16.37 10.30 35.75
N ASN B 198 -16.33 9.67 34.59
CA ASN B 198 -15.64 8.38 34.41
C ASN B 198 -14.29 8.47 33.73
N ASN B 199 -13.88 9.65 33.28
CA ASN B 199 -12.60 9.83 32.58
C ASN B 199 -11.92 11.08 33.10
N LYS B 200 -10.59 11.06 33.07
CA LYS B 200 -9.79 12.17 33.54
C LYS B 200 -9.11 12.83 32.33
N ASN B 201 -9.40 14.12 32.13
CA ASN B 201 -8.69 14.89 31.09
C ASN B 201 -7.21 14.96 31.43
N PHE B 202 -6.38 14.96 30.39
CA PHE B 202 -4.94 15.03 30.61
C PHE B 202 -4.22 15.76 29.49
N THR B 203 -3.01 16.19 29.82
CA THR B 203 -2.06 16.67 28.84
C THR B 203 -0.76 15.90 28.87
N ILE B 204 -0.01 16.03 27.78
CA ILE B 204 1.34 15.52 27.67
C ILE B 204 2.16 16.60 27.02
N LYS B 205 3.33 16.88 27.63
CA LYS B 205 4.28 17.88 27.16
C LYS B 205 5.40 17.19 26.42
N ILE B 206 5.58 17.57 25.15
CA ILE B 206 6.56 16.98 24.25
C ILE B 206 7.56 18.08 23.83
N PRO B 207 8.87 17.91 24.13
CA PRO B 207 9.84 18.88 23.57
C PRO B 207 9.83 18.91 22.04
N ARG B 208 9.75 20.10 21.44
CA ARG B 208 9.72 20.20 19.98
C ARG B 208 11.07 19.82 19.35
N ILE B 209 11.03 19.02 18.30
CA ILE B 209 12.17 18.75 17.44
C ILE B 209 12.06 19.74 16.29
N GLU B 210 13.18 20.38 15.93
CA GLU B 210 13.18 21.40 14.89
C GLU B 210 12.69 20.86 13.52
N GLY B 211 11.72 21.56 12.92
CA GLY B 211 11.11 21.16 11.65
C GLY B 211 9.60 21.15 11.73
N ASP B 212 8.95 21.41 10.60
CA ASP B 212 7.52 21.17 10.42
C ASP B 212 7.36 19.91 9.57
N PHE B 213 6.82 18.85 10.15
CA PHE B 213 6.80 17.52 9.53
C PHE B 213 5.43 17.25 8.93
N THR B 214 5.39 16.41 7.90
CA THR B 214 4.14 16.02 7.25
C THR B 214 3.88 14.51 7.50
N GLY B 215 2.62 14.16 7.68
CA GLY B 215 2.23 12.78 7.96
C GLY B 215 2.42 12.37 9.42
N VAL B 216 2.80 13.30 10.28
CA VAL B 216 3.04 12.98 11.71
C VAL B 216 1.71 12.70 12.42
N GLY B 217 0.70 13.51 12.13
CA GLY B 217 -0.61 13.29 12.66
C GLY B 217 -1.25 12.02 12.16
N ASP B 218 -1.00 11.66 10.90
CA ASP B 218 -1.54 10.42 10.37
C ASP B 218 -0.86 9.21 11.04
N THR B 219 0.45 9.31 11.21
CA THR B 219 1.22 8.29 11.87
C THR B 219 0.74 8.11 13.30
N LEU B 220 0.51 9.21 14.03
CA LEU B 220 -0.04 9.10 15.38
C LEU B 220 -1.38 8.36 15.40
N THR B 221 -2.27 8.74 14.48
CA THR B 221 -3.59 8.16 14.39
C THR B 221 -3.50 6.65 14.32
N TYR B 222 -2.65 6.16 13.43
CA TYR B 222 -2.63 4.71 13.19
C TYR B 222 -1.87 3.92 14.25
N ILE B 223 -0.83 4.50 14.85
CA ILE B 223 -0.16 3.83 15.96
C ILE B 223 -1.12 3.76 17.15
N LEU B 224 -1.74 4.91 17.45
CA LEU B 224 -2.76 4.95 18.49
C LEU B 224 -3.87 3.91 18.30
N LEU B 225 -4.44 3.88 17.12
CA LEU B 225 -5.54 2.97 16.82
C LEU B 225 -5.07 1.53 16.95
N SER B 226 -3.88 1.24 16.46
CA SER B 226 -3.34 -0.12 16.55
C SER B 226 -3.27 -0.59 18.00
N TRP B 227 -2.77 0.25 18.90
CA TRP B 227 -2.72 -0.11 20.31
C TRP B 227 -4.12 -0.25 20.93
N ILE B 228 -5.06 0.62 20.55
CA ILE B 228 -6.45 0.50 20.99
C ILE B 228 -6.99 -0.87 20.55
N ILE B 229 -6.74 -1.19 19.29
CA ILE B 229 -7.16 -2.50 18.75
C ILE B 229 -6.56 -3.68 19.55
N LYS B 230 -5.29 -3.56 19.94
CA LYS B 230 -4.61 -4.58 20.74
C LYS B 230 -5.02 -4.63 22.21
N GLY B 231 -5.92 -3.74 22.63
CA GLY B 231 -6.52 -3.78 23.96
C GLY B 231 -5.86 -2.87 24.99
N ILE B 232 -4.98 -1.98 24.55
CA ILE B 232 -4.27 -1.08 25.46
C ILE B 232 -5.20 0.08 25.84
N PRO B 233 -5.29 0.43 27.13
CA PRO B 233 -6.09 1.60 27.49
C PRO B 233 -5.61 2.89 26.81
N LEU B 234 -6.55 3.77 26.51
CA LEU B 234 -6.30 4.99 25.76
C LEU B 234 -5.09 5.79 26.23
N GLU B 235 -4.97 6.09 27.53
CA GLU B 235 -3.81 6.78 28.08
C GLU B 235 -2.48 6.18 27.65
N HIS B 236 -2.37 4.87 27.75
CA HIS B 236 -1.14 4.14 27.44
C HIS B 236 -0.93 4.07 25.92
N ALA B 237 -2.03 3.90 25.17
CA ALA B 237 -1.98 3.87 23.67
C ALA B 237 -1.46 5.21 23.15
N VAL B 238 -1.94 6.30 23.73
CA VAL B 238 -1.46 7.60 23.34
C VAL B 238 0.04 7.78 23.66
N ASN B 239 0.43 7.40 24.87
CA ASN B 239 1.82 7.59 25.34
C ASN B 239 2.77 6.75 24.45
N ARG B 240 2.40 5.52 24.15
CA ARG B 240 3.20 4.68 23.25
C ARG B 240 3.32 5.31 21.88
N ALA B 241 2.20 5.81 21.38
CA ALA B 241 2.15 6.38 20.04
C ALA B 241 3.04 7.60 19.94
N ILE B 242 2.93 8.51 20.92
CA ILE B 242 3.77 9.70 20.87
C ILE B 242 5.25 9.35 21.06
N SER B 243 5.52 8.38 21.91
CA SER B 243 6.90 7.94 22.17
C SER B 243 7.54 7.31 20.94
N THR B 244 6.79 6.46 20.25
CA THR B 244 7.28 5.88 18.99
C THR B 244 7.50 6.96 17.94
N LEU B 245 6.62 7.96 17.93
CA LEU B 245 6.77 9.06 16.99
C LEU B 245 8.04 9.87 17.25
N GLN B 246 8.41 10.08 18.50
CA GLN B 246 9.65 10.79 18.82
C GLN B 246 10.84 10.01 18.25
N THR B 247 10.80 8.70 18.39
CA THR B 247 11.84 7.87 17.80
C THR B 247 11.91 8.06 16.28
N ILE B 248 10.77 8.06 15.60
CA ILE B 248 10.75 8.23 14.14
C ILE B 248 11.35 9.58 13.75
N LEU B 249 10.94 10.63 14.48
CA LEU B 249 11.40 11.96 14.14
C LEU B 249 12.87 12.21 14.44
N ARG B 250 13.37 11.68 15.55
CA ARG B 250 14.80 11.73 15.84
C ARG B 250 15.63 11.03 14.76
N ASN B 251 15.05 10.02 14.12
CA ASN B 251 15.71 9.31 13.05
C ASN B 251 15.35 9.81 11.62
N THR B 252 14.71 10.98 11.52
CA THR B 252 14.32 11.55 10.23
C THR B 252 15.27 12.68 9.85
N VAL B 253 15.76 12.63 8.61
CA VAL B 253 16.67 13.61 8.05
C VAL B 253 15.82 14.47 7.11
N GLY B 254 15.85 15.77 7.30
CA GLY B 254 14.99 16.68 6.55
C GLY B 254 13.57 16.67 7.10
N THR B 255 12.67 17.43 6.45
CA THR B 255 11.28 17.54 6.88
C THR B 255 10.23 17.19 5.81
N ALA B 256 10.67 16.93 4.57
CA ALA B 256 9.80 16.56 3.45
C ALA B 256 8.99 15.29 3.75
N GLU B 257 9.68 14.26 4.26
CA GLU B 257 9.10 12.95 4.55
C GLU B 257 9.63 12.37 5.87
N ILE B 258 8.75 11.84 6.69
CA ILE B 258 9.14 11.08 7.89
C ILE B 258 9.73 9.71 7.52
N ASN B 259 10.67 9.26 8.35
CA ASN B 259 11.43 8.02 8.07
C ASN B 259 10.73 6.74 8.56
N ILE B 260 9.49 6.56 8.16
CA ILE B 260 8.65 5.49 8.70
C ILE B 260 9.06 4.09 8.16
N ILE B 261 9.53 3.98 6.90
CA ILE B 261 9.94 2.65 6.32
C ILE B 261 11.11 2.04 7.09
N ASN B 262 12.15 2.83 7.31
CA ASN B 262 13.28 2.37 8.10
C ASN B 262 12.99 2.09 9.56
N CYS B 263 11.95 2.74 10.07
CA CYS B 263 11.50 2.60 11.47
C CYS B 263 10.45 1.52 11.67
N ILE B 264 10.09 0.78 10.61
CA ILE B 264 9.08 -0.27 10.75
C ILE B 264 9.36 -1.22 11.91
N PRO B 265 10.62 -1.67 12.12
CA PRO B 265 10.94 -2.56 13.23
C PRO B 265 10.63 -2.07 14.64
N TYR B 266 10.49 -0.76 14.79
CA TYR B 266 10.24 -0.09 16.07
C TYR B 266 8.79 0.40 16.25
N LEU B 267 7.90 0.09 15.30
CA LEU B 267 6.53 0.61 15.35
C LEU B 267 5.68 0.04 16.47
N LYS B 268 5.97 -1.20 16.83
CA LYS B 268 5.32 -1.89 17.94
C LYS B 268 6.04 -1.67 19.30
N GLY B 269 6.95 -0.70 19.37
CA GLY B 269 7.54 -0.28 20.66
C GLY B 269 6.52 -0.01 21.76
N THR B 270 6.88 -0.45 22.97
CA THR B 270 5.99 -0.28 24.13
C THR B 270 6.49 0.76 25.13
N GLU B 271 7.60 1.45 24.83
CA GLU B 271 8.12 2.49 25.73
C GLU B 271 7.10 3.63 25.83
N GLU B 272 6.85 4.07 27.06
CA GLU B 272 5.96 5.18 27.36
C GLU B 272 6.81 6.22 28.05
N SER B 273 7.42 7.09 27.23
CA SER B 273 8.47 8.01 27.67
C SER B 273 7.98 9.30 28.32
N PHE B 274 6.67 9.55 28.27
CA PHE B 274 6.12 10.80 28.80
C PHE B 274 5.27 10.63 30.04
N THR B 275 5.07 11.75 30.74
CA THR B 275 4.24 11.80 31.91
C THR B 275 2.82 12.20 31.49
N ILE B 276 1.85 11.43 31.97
CA ILE B 276 0.43 11.76 31.84
C ILE B 276 0.12 12.76 32.93
N THR B 277 -0.19 13.98 32.55
CA THR B 277 -0.51 15.04 33.52
C THR B 277 -2.01 15.36 33.56
N TYR B 278 -2.67 15.06 34.68
CA TYR B 278 -4.10 15.31 34.82
C TYR B 278 -4.35 16.77 35.12
N ILE B 279 -5.38 17.35 34.49
CA ILE B 279 -5.72 18.75 34.65
C ILE B 279 -6.55 18.89 35.92
#